data_8P7F
#
_entry.id   8P7F
#
_cell.length_a   79.700
_cell.length_b   93.670
_cell.length_c   44.590
_cell.angle_alpha   90.00
_cell.angle_beta   90.00
_cell.angle_gamma   90.00
#
_symmetry.space_group_name_H-M   'P 21 21 2'
#
loop_
_entity.id
_entity.type
_entity.pdbx_description
1 polymer 'Parathion hydrolase'
2 non-polymer 'ZINC ION'
3 water water
#
_entity_poly.entity_id   1
_entity_poly.type   'polypeptide(L)'
_entity_poly.pdbx_seq_one_letter_code
;GDRINTVRGPITISEAGFTLTHEHICGSSAGFLRAWPEFFGSRAALVEKAVRGLRRARAAGVRTIVDVSTFDAGRDVSLL
AEVSRAADVHIVAATGLWEDPPLSMRLRSVEELTQFFLREIQYGIEDTGIRAGIIKVATQGKATPFQELVLRAAARASLA
TGVPVTTHTFASQRDGEQQAAIFESEGLSPSRVCIGHSDDTDDLSYLTALAARGYLIGLDGIPHSAIGLEDNASASALLG
NRSWQTRALLIKALIDQGYMKQILVSNDWLFGFSSYVTNIMDVMDSVNPDGMAFIPLRVIPFLREKGVPQETLAGITVTN
PARFLSPTLRAS
;
_entity_poly.pdbx_strand_id   A
#
loop_
_chem_comp.id
_chem_comp.type
_chem_comp.name
_chem_comp.formula
ZN non-polymer 'ZINC ION' 'Zn 2'
#
# COMPACT_ATOMS: atom_id res chain seq x y z
N ARG A 3 6.37 -4.74 -16.23
CA ARG A 3 5.23 -3.82 -16.24
C ARG A 3 4.32 -3.97 -15.01
N ILE A 4 3.89 -2.83 -14.47
CA ILE A 4 3.05 -2.73 -13.29
C ILE A 4 1.64 -2.35 -13.75
N ASN A 5 0.63 -3.03 -13.22
CA ASN A 5 -0.76 -2.67 -13.47
C ASN A 5 -1.12 -1.40 -12.70
N THR A 6 -1.47 -0.33 -13.40
CA THR A 6 -2.09 0.84 -12.76
C THR A 6 -3.53 1.00 -13.21
N VAL A 7 -4.22 1.96 -12.57
CA VAL A 7 -5.63 2.17 -12.86
C VAL A 7 -5.85 2.76 -14.24
N ARG A 8 -4.78 3.23 -14.91
CA ARG A 8 -4.85 3.64 -16.31
C ARG A 8 -4.08 2.69 -17.25
N GLY A 9 -3.77 1.48 -16.81
CA GLY A 9 -3.12 0.50 -17.66
C GLY A 9 -1.70 0.21 -17.21
N PRO A 10 -0.99 -0.64 -17.97
CA PRO A 10 0.35 -1.05 -17.56
C PRO A 10 1.38 0.05 -17.75
N ILE A 11 2.40 0.05 -16.87
CA ILE A 11 3.51 1.00 -16.92
C ILE A 11 4.80 0.24 -16.70
N THR A 12 5.89 0.73 -17.30
CA THR A 12 7.21 0.14 -17.09
C THR A 12 7.76 0.52 -15.73
N ILE A 13 8.70 -0.30 -15.24
CA ILE A 13 9.30 -0.08 -13.93
C ILE A 13 9.84 1.34 -13.81
N SER A 14 10.55 1.80 -14.85
CA SER A 14 11.22 3.10 -14.77
C SER A 14 10.23 4.26 -14.77
N GLU A 15 8.99 4.04 -15.20
CA GLU A 15 8.00 5.12 -15.15
C GLU A 15 7.42 5.33 -13.76
N ALA A 16 7.61 4.39 -12.83
CA ALA A 16 6.99 4.52 -11.51
C ALA A 16 7.61 5.67 -10.70
N GLY A 17 8.93 5.85 -10.78
CA GLY A 17 9.57 6.93 -10.05
C GLY A 17 9.33 6.88 -8.55
N PHE A 18 9.31 8.07 -7.94
CA PHE A 18 9.05 8.24 -6.52
C PHE A 18 7.66 7.71 -6.14
N THR A 19 7.62 6.69 -5.26
CA THR A 19 6.42 5.89 -5.03
C THR A 19 6.13 5.78 -3.54
N LEU A 20 4.89 6.09 -3.18
CA LEU A 20 4.36 5.81 -1.85
C LEU A 20 3.52 4.55 -1.93
N THR A 21 3.72 3.62 -1.00
CA THR A 21 3.32 2.22 -1.20
C THR A 21 2.12 1.77 -0.37
N HIS A 22 1.51 2.64 0.42
CA HIS A 22 0.43 2.17 1.29
C HIS A 22 -0.49 3.35 1.60
N GLU A 23 -1.12 3.90 0.57
CA GLU A 23 -1.85 5.16 0.66
C GLU A 23 -3.35 4.91 0.59
N HIS A 24 -4.12 5.98 0.84
CA HIS A 24 -5.56 5.83 1.09
C HIS A 24 -6.29 7.01 0.45
N ILE A 25 -6.60 6.87 -0.83
CA ILE A 25 -7.51 7.81 -1.48
C ILE A 25 -8.96 7.42 -1.21
N CYS A 26 -9.32 6.17 -1.52
CA CYS A 26 -10.64 5.61 -1.21
C CYS A 26 -10.72 5.14 0.23
N GLY A 27 -11.94 5.05 0.75
CA GLY A 27 -12.14 4.53 2.09
C GLY A 27 -13.61 4.41 2.45
N SER A 28 -13.84 4.16 3.75
CA SER A 28 -15.19 3.92 4.27
C SER A 28 -16.14 5.08 3.97
N SER A 29 -15.65 6.31 4.12
CA SER A 29 -16.54 7.45 4.29
C SER A 29 -16.98 8.10 2.98
N ALA A 30 -16.26 7.86 1.87
CA ALA A 30 -16.59 8.53 0.62
C ALA A 30 -17.97 8.13 0.11
N GLY A 31 -18.41 6.90 0.39
CA GLY A 31 -19.71 6.45 -0.08
C GLY A 31 -20.84 7.31 0.41
N PHE A 32 -20.74 7.82 1.64
CA PHE A 32 -21.83 8.61 2.20
C PHE A 32 -22.07 9.91 1.44
N LEU A 33 -21.18 10.28 0.52
CA LEU A 33 -21.52 11.37 -0.39
C LEU A 33 -22.66 10.97 -1.32
N ARG A 34 -22.82 9.67 -1.59
CA ARG A 34 -24.00 9.23 -2.33
C ARG A 34 -25.25 9.32 -1.47
N ALA A 35 -25.13 8.98 -0.18
CA ALA A 35 -26.31 8.97 0.69
C ALA A 35 -26.64 10.36 1.20
N TRP A 36 -25.66 11.24 1.30
CA TRP A 36 -25.84 12.53 1.96
C TRP A 36 -24.90 13.56 1.34
N PRO A 37 -25.11 13.90 0.06
CA PRO A 37 -24.27 14.93 -0.56
C PRO A 37 -24.53 16.33 -0.03
N GLU A 38 -25.71 16.61 0.53
CA GLU A 38 -26.00 17.92 1.11
C GLU A 38 -25.03 18.26 2.24
N PHE A 39 -24.54 17.25 2.94
CA PHE A 39 -23.57 17.48 4.00
C PHE A 39 -22.13 17.25 3.54
N PHE A 40 -21.87 16.22 2.75
CA PHE A 40 -20.51 15.85 2.38
C PHE A 40 -20.04 16.40 1.04
N GLY A 41 -20.94 16.92 0.22
CA GLY A 41 -20.58 17.47 -1.07
C GLY A 41 -20.79 16.45 -2.17
N SER A 42 -20.73 16.94 -3.39
CA SER A 42 -20.95 16.07 -4.53
C SER A 42 -19.74 15.19 -4.79
N ARG A 43 -19.94 14.21 -5.67
CA ARG A 43 -18.83 13.41 -6.16
C ARG A 43 -17.79 14.31 -6.84
N ALA A 44 -18.26 15.26 -7.65
CA ALA A 44 -17.34 16.15 -8.35
C ALA A 44 -16.49 16.93 -7.36
N ALA A 45 -17.07 17.36 -6.23
CA ALA A 45 -16.29 18.11 -5.26
C ALA A 45 -15.27 17.23 -4.56
N LEU A 46 -15.61 15.98 -4.29
CA LEU A 46 -14.62 15.03 -3.76
C LEU A 46 -13.49 14.81 -4.75
N VAL A 47 -13.82 14.55 -6.02
CA VAL A 47 -12.79 14.37 -7.04
C VAL A 47 -11.91 15.61 -7.12
N GLU A 48 -12.51 16.79 -7.05
CA GLU A 48 -11.73 18.02 -7.12
C GLU A 48 -10.78 18.14 -5.94
N LYS A 49 -11.26 17.83 -4.73
CA LYS A 49 -10.38 17.88 -3.58
C LYS A 49 -9.23 16.86 -3.70
N ALA A 50 -9.54 15.65 -4.18
CA ALA A 50 -8.50 14.63 -4.35
C ALA A 50 -7.49 15.03 -5.42
N VAL A 51 -7.96 15.56 -6.55
CA VAL A 51 -7.05 15.96 -7.62
C VAL A 51 -6.12 17.07 -7.16
N ARG A 52 -6.66 18.07 -6.44
CA ARG A 52 -5.81 19.15 -5.95
C ARG A 52 -4.72 18.64 -5.01
N GLY A 53 -5.06 17.72 -4.11
CA GLY A 53 -4.07 17.18 -3.20
C GLY A 53 -3.02 16.35 -3.90
N LEU A 54 -3.42 15.63 -4.94
CA LEU A 54 -2.46 14.80 -5.67
C LEU A 54 -1.58 15.63 -6.59
N ARG A 55 -2.11 16.72 -7.16
CA ARG A 55 -1.27 17.60 -7.97
C ARG A 55 -0.21 18.29 -7.11
N ARG A 56 -0.52 18.55 -5.85
CA ARG A 56 0.48 19.13 -4.96
C ARG A 56 1.54 18.10 -4.61
N ALA A 57 1.12 16.85 -4.36
CA ALA A 57 2.09 15.77 -4.17
C ALA A 57 2.94 15.57 -5.41
N ARG A 58 2.31 15.60 -6.59
CA ARG A 58 3.05 15.50 -7.84
C ARG A 58 4.06 16.65 -7.98
N ALA A 59 3.63 17.88 -7.69
CA ALA A 59 4.54 19.01 -7.78
C ALA A 59 5.74 18.82 -6.84
N ALA A 60 5.51 18.28 -5.64
CA ALA A 60 6.61 18.04 -4.72
C ALA A 60 7.48 16.86 -5.13
N GLY A 61 7.11 16.10 -6.15
CA GLY A 61 7.94 15.00 -6.60
C GLY A 61 7.32 13.61 -6.54
N VAL A 62 6.12 13.39 -6.01
CA VAL A 62 5.56 12.03 -6.00
C VAL A 62 5.07 11.69 -7.40
N ARG A 63 5.45 10.51 -7.91
CA ARG A 63 5.06 10.08 -9.23
C ARG A 63 4.04 8.94 -9.24
N THR A 64 4.06 8.07 -8.24
CA THR A 64 3.15 6.94 -8.13
C THR A 64 2.71 6.78 -6.70
N ILE A 65 1.43 6.44 -6.49
CA ILE A 65 0.95 6.00 -5.19
C ILE A 65 0.24 4.67 -5.35
N VAL A 66 0.35 3.83 -4.33
CA VAL A 66 -0.37 2.56 -4.26
C VAL A 66 -1.55 2.78 -3.33
N ASP A 67 -2.77 2.70 -3.84
CA ASP A 67 -3.94 2.79 -2.97
C ASP A 67 -4.33 1.38 -2.55
N VAL A 68 -4.37 1.13 -1.24
CA VAL A 68 -4.54 -0.24 -0.75
C VAL A 68 -5.97 -0.52 -0.29
N SER A 69 -6.94 0.32 -0.67
CA SER A 69 -8.33 0.00 -0.38
C SER A 69 -8.80 -1.23 -1.18
N THR A 70 -9.65 -2.02 -0.56
CA THR A 70 -10.15 -3.24 -1.17
C THR A 70 -11.66 -3.10 -1.38
N PHE A 71 -12.26 -4.11 -2.03
CA PHE A 71 -13.67 -4.01 -2.40
C PHE A 71 -14.56 -3.82 -1.17
N ASP A 72 -14.20 -4.47 -0.07
CA ASP A 72 -14.98 -4.42 1.17
C ASP A 72 -14.61 -3.24 2.05
N ALA A 73 -13.69 -2.38 1.61
CA ALA A 73 -13.30 -1.21 2.37
C ALA A 73 -13.45 0.07 1.55
N GLY A 74 -14.34 0.08 0.58
CA GLY A 74 -14.64 1.31 -0.12
C GLY A 74 -13.86 1.60 -1.37
N ARG A 75 -13.09 0.63 -1.90
CA ARG A 75 -12.35 0.88 -3.13
C ARG A 75 -13.29 1.32 -4.24
N ASP A 76 -12.85 2.31 -5.03
CA ASP A 76 -13.64 2.86 -6.13
C ASP A 76 -12.67 3.13 -7.27
N VAL A 77 -12.40 2.10 -8.09
CA VAL A 77 -11.31 2.22 -9.04
C VAL A 77 -11.65 3.18 -10.17
N SER A 78 -12.94 3.39 -10.46
CA SER A 78 -13.30 4.37 -11.47
C SER A 78 -12.96 5.76 -10.98
N LEU A 79 -13.18 6.03 -9.68
CA LEU A 79 -12.72 7.29 -9.09
C LEU A 79 -11.20 7.39 -9.12
N LEU A 80 -10.52 6.30 -8.76
CA LEU A 80 -9.06 6.35 -8.79
C LEU A 80 -8.54 6.67 -10.19
N ALA A 81 -9.16 6.09 -11.23
CA ALA A 81 -8.71 6.35 -12.59
C ALA A 81 -8.95 7.80 -12.99
N GLU A 82 -10.09 8.37 -12.58
CA GLU A 82 -10.36 9.76 -12.91
C GLU A 82 -9.36 10.70 -12.23
N VAL A 83 -9.09 10.47 -10.94
CA VAL A 83 -8.14 11.37 -10.26
C VAL A 83 -6.74 11.12 -10.78
N SER A 84 -6.39 9.87 -11.14
CA SER A 84 -5.06 9.61 -11.68
C SER A 84 -4.81 10.43 -12.93
N ARG A 85 -5.78 10.46 -13.84
CA ARG A 85 -5.61 11.18 -15.10
C ARG A 85 -5.56 12.69 -14.86
N ALA A 86 -6.42 13.21 -13.98
CA ALA A 86 -6.46 14.65 -13.77
C ALA A 86 -5.21 15.15 -13.07
N ALA A 87 -4.63 14.35 -12.16
CA ALA A 87 -3.47 14.81 -11.41
C ALA A 87 -2.15 14.40 -12.02
N ASP A 88 -2.17 13.56 -13.06
CA ASP A 88 -0.98 12.99 -13.69
C ASP A 88 -0.08 12.30 -12.65
N VAL A 89 -0.68 11.40 -11.88
CA VAL A 89 0.01 10.58 -10.90
C VAL A 89 -0.45 9.15 -11.15
N HIS A 90 0.48 8.22 -11.28
CA HIS A 90 0.09 6.82 -11.44
C HIS A 90 -0.49 6.32 -10.13
N ILE A 91 -1.53 5.48 -10.22
CA ILE A 91 -2.14 4.90 -9.04
C ILE A 91 -2.27 3.39 -9.25
N VAL A 92 -1.74 2.62 -8.32
CA VAL A 92 -1.88 1.17 -8.33
C VAL A 92 -3.03 0.81 -7.40
N ALA A 93 -3.99 0.04 -7.91
CA ALA A 93 -5.10 -0.46 -7.09
C ALA A 93 -4.78 -1.82 -6.50
N ALA A 94 -5.48 -2.14 -5.41
CA ALA A 94 -5.27 -3.37 -4.67
C ALA A 94 -6.48 -4.27 -4.78
N THR A 95 -6.21 -5.58 -4.71
CA THR A 95 -7.19 -6.56 -4.34
C THR A 95 -6.88 -6.94 -2.90
N GLY A 96 -7.58 -7.94 -2.37
CA GLY A 96 -7.37 -8.30 -0.98
C GLY A 96 -8.64 -8.13 -0.17
N LEU A 97 -8.49 -8.10 1.15
CA LEU A 97 -9.61 -7.98 2.05
C LEU A 97 -9.17 -7.15 3.24
N TRP A 98 -10.14 -6.48 3.86
CA TRP A 98 -9.90 -5.68 5.04
C TRP A 98 -10.25 -6.48 6.30
N GLU A 99 -10.37 -5.77 7.43
CA GLU A 99 -10.44 -6.41 8.73
C GLU A 99 -11.65 -7.33 8.85
N ASP A 100 -12.85 -6.82 8.54
CA ASP A 100 -14.08 -7.55 8.84
C ASP A 100 -14.89 -7.77 7.57
N PRO A 101 -14.55 -8.78 6.78
CA PRO A 101 -15.21 -8.97 5.48
C PRO A 101 -16.61 -9.56 5.64
N PRO A 102 -17.44 -9.46 4.61
CA PRO A 102 -18.80 -9.97 4.70
C PRO A 102 -18.84 -11.48 4.91
N LEU A 103 -20.00 -11.94 5.42
CA LEU A 103 -20.29 -13.37 5.59
C LEU A 103 -19.84 -14.16 4.38
N SER A 104 -20.14 -13.62 3.19
CA SER A 104 -20.02 -14.37 1.97
C SER A 104 -18.56 -14.65 1.63
N MET A 105 -17.64 -13.89 2.22
CA MET A 105 -16.20 -14.10 2.07
C MET A 105 -15.62 -14.91 3.22
N ARG A 106 -16.12 -14.73 4.43
CA ARG A 106 -15.63 -15.47 5.59
C ARG A 106 -15.91 -16.98 5.49
N LEU A 107 -16.77 -17.40 4.58
CA LEU A 107 -17.10 -18.81 4.40
C LEU A 107 -16.33 -19.47 3.27
N ARG A 108 -15.40 -18.77 2.63
CA ARG A 108 -14.72 -19.31 1.46
C ARG A 108 -13.46 -20.05 1.86
N SER A 109 -13.06 -21.02 1.04
CA SER A 109 -11.82 -21.76 1.22
C SER A 109 -10.63 -20.94 0.71
N VAL A 110 -9.42 -21.44 1.03
CA VAL A 110 -8.21 -20.79 0.52
C VAL A 110 -8.18 -20.85 -1.00
N GLU A 111 -8.65 -21.95 -1.57
CA GLU A 111 -8.67 -22.07 -3.03
C GLU A 111 -9.66 -21.09 -3.65
N GLU A 112 -10.81 -20.90 -3.02
CA GLU A 112 -11.78 -19.95 -3.53
C GLU A 112 -11.28 -18.51 -3.41
N LEU A 113 -10.72 -18.15 -2.26
CA LEU A 113 -10.23 -16.78 -2.08
C LEU A 113 -9.05 -16.51 -2.98
N THR A 114 -8.23 -17.53 -3.27
CA THR A 114 -7.16 -17.32 -4.23
C THR A 114 -7.73 -16.92 -5.58
N GLN A 115 -8.80 -17.57 -6.00
CA GLN A 115 -9.41 -17.24 -7.29
C GLN A 115 -10.03 -15.84 -7.27
N PHE A 116 -10.56 -15.40 -6.14
CA PHE A 116 -11.05 -14.03 -6.08
C PHE A 116 -9.92 -13.04 -6.32
N PHE A 117 -8.81 -13.18 -5.59
CA PHE A 117 -7.67 -12.27 -5.80
C PHE A 117 -7.18 -12.35 -7.23
N LEU A 118 -7.06 -13.56 -7.78
CA LEU A 118 -6.57 -13.69 -9.15
C LEU A 118 -7.51 -13.06 -10.15
N ARG A 119 -8.82 -13.15 -9.91
CA ARG A 119 -9.77 -12.50 -10.80
C ARG A 119 -9.51 -10.98 -10.85
N GLU A 120 -9.27 -10.36 -9.70
CA GLU A 120 -9.03 -8.90 -9.71
C GLU A 120 -7.65 -8.53 -10.27
N ILE A 121 -6.69 -9.46 -10.30
CA ILE A 121 -5.36 -9.22 -10.85
C ILE A 121 -5.31 -9.51 -12.35
N GLN A 122 -5.91 -10.63 -12.77
CA GLN A 122 -5.80 -11.11 -14.14
C GLN A 122 -6.95 -10.69 -15.05
N TYR A 123 -8.16 -10.54 -14.50
CA TYR A 123 -9.34 -10.26 -15.31
C TYR A 123 -9.75 -8.79 -15.19
N GLY A 124 -9.95 -8.33 -13.97
CA GLY A 124 -10.27 -6.93 -13.75
C GLY A 124 -11.08 -6.79 -12.49
N ILE A 125 -11.24 -5.53 -12.07
CA ILE A 125 -12.06 -5.20 -10.92
C ILE A 125 -13.47 -4.90 -11.41
N GLU A 126 -14.45 -5.60 -10.84
CA GLU A 126 -15.86 -5.45 -11.20
C GLU A 126 -15.99 -5.54 -12.73
N ASP A 127 -16.72 -4.64 -13.38
CA ASP A 127 -16.80 -4.65 -14.83
C ASP A 127 -15.96 -3.55 -15.46
N THR A 128 -14.92 -3.06 -14.77
CA THR A 128 -14.15 -1.93 -15.27
C THR A 128 -13.01 -2.33 -16.20
N GLY A 129 -12.52 -3.56 -16.11
CA GLY A 129 -11.31 -3.93 -16.82
C GLY A 129 -10.02 -3.42 -16.21
N ILE A 130 -10.08 -2.74 -15.07
CA ILE A 130 -8.90 -2.29 -14.36
C ILE A 130 -8.39 -3.40 -13.45
N ARG A 131 -7.10 -3.68 -13.54
CA ARG A 131 -6.49 -4.80 -12.83
C ARG A 131 -5.66 -4.32 -11.65
N ALA A 132 -5.74 -5.08 -10.57
CA ALA A 132 -5.01 -4.75 -9.35
C ALA A 132 -3.53 -5.05 -9.50
N GLY A 133 -2.70 -4.28 -8.80
CA GLY A 133 -1.27 -4.43 -8.88
C GLY A 133 -0.62 -4.79 -7.55
N ILE A 134 -1.44 -5.02 -6.54
CA ILE A 134 -0.94 -5.40 -5.22
C ILE A 134 -2.07 -6.12 -4.50
N ILE A 135 -1.71 -6.94 -3.51
CA ILE A 135 -2.66 -7.68 -2.67
C ILE A 135 -2.50 -7.15 -1.25
N LYS A 136 -3.59 -6.64 -0.68
CA LYS A 136 -3.56 -6.07 0.65
C LYS A 136 -4.31 -7.01 1.60
N VAL A 137 -3.69 -7.38 2.70
CA VAL A 137 -4.36 -8.20 3.70
C VAL A 137 -4.29 -7.47 5.02
N ALA A 138 -5.42 -6.93 5.47
CA ALA A 138 -5.46 -6.23 6.74
C ALA A 138 -5.75 -7.24 7.86
N THR A 139 -4.98 -7.17 8.94
CA THR A 139 -5.12 -8.08 10.06
C THR A 139 -5.56 -7.31 11.29
N GLN A 140 -6.39 -7.93 12.12
CA GLN A 140 -6.92 -7.27 13.31
C GLN A 140 -5.90 -7.30 14.43
N GLY A 141 -5.81 -8.43 15.13
CA GLY A 141 -4.86 -8.56 16.21
C GLY A 141 -4.43 -10.00 16.43
N LYS A 142 -5.21 -10.72 17.24
CA LYS A 142 -4.93 -12.14 17.48
C LYS A 142 -5.07 -12.93 16.19
N ALA A 143 -4.07 -13.76 15.88
CA ALA A 143 -4.14 -14.61 14.69
C ALA A 143 -5.34 -15.53 14.79
N THR A 144 -6.11 -15.62 13.71
CA THR A 144 -7.26 -16.48 13.62
C THR A 144 -7.12 -17.39 12.42
N PRO A 145 -7.76 -18.57 12.43
CA PRO A 145 -7.71 -19.45 11.25
C PRO A 145 -8.14 -18.77 9.95
N PHE A 146 -9.14 -17.88 9.99
CA PHE A 146 -9.56 -17.22 8.76
C PHE A 146 -8.51 -16.23 8.27
N GLN A 147 -7.84 -15.55 9.19
CA GLN A 147 -6.79 -14.63 8.78
C GLN A 147 -5.61 -15.38 8.17
N GLU A 148 -5.27 -16.53 8.76
CA GLU A 148 -4.23 -17.39 8.19
C GLU A 148 -4.65 -17.87 6.81
N LEU A 149 -5.92 -18.24 6.66
CA LEU A 149 -6.45 -18.61 5.36
C LEU A 149 -6.32 -17.49 4.35
N VAL A 150 -6.59 -16.24 4.75
CA VAL A 150 -6.52 -15.15 3.80
C VAL A 150 -5.07 -14.89 3.38
N LEU A 151 -4.15 -14.93 4.36
CA LEU A 151 -2.73 -14.78 4.04
C LEU A 151 -2.25 -15.87 3.08
N ARG A 152 -2.74 -17.11 3.26
CA ARG A 152 -2.34 -18.18 2.36
C ARG A 152 -2.86 -17.94 0.96
N ALA A 153 -4.12 -17.53 0.85
CA ALA A 153 -4.68 -17.23 -0.46
C ALA A 153 -3.91 -16.09 -1.13
N ALA A 154 -3.51 -15.09 -0.35
CA ALA A 154 -2.71 -14.00 -0.92
C ALA A 154 -1.36 -14.50 -1.39
N ALA A 155 -0.71 -15.34 -0.58
CA ALA A 155 0.58 -15.90 -0.98
C ALA A 155 0.47 -16.71 -2.28
N ARG A 156 -0.62 -17.46 -2.44
CA ARG A 156 -0.78 -18.24 -3.67
C ARG A 156 -1.08 -17.35 -4.85
N ALA A 157 -1.88 -16.30 -4.66
CA ALA A 157 -2.13 -15.41 -5.78
C ALA A 157 -0.83 -14.72 -6.20
N SER A 158 0.02 -14.39 -5.21
CA SER A 158 1.31 -13.79 -5.52
C SER A 158 2.21 -14.78 -6.25
N LEU A 159 2.21 -16.05 -5.82
CA LEU A 159 3.03 -17.05 -6.50
C LEU A 159 2.61 -17.20 -7.96
N ALA A 160 1.30 -17.15 -8.22
CA ALA A 160 0.79 -17.34 -9.58
C ALA A 160 1.12 -16.15 -10.49
N THR A 161 1.06 -14.93 -9.95
CA THR A 161 1.17 -13.72 -10.76
C THR A 161 2.43 -12.91 -10.54
N GLY A 162 3.11 -13.08 -9.41
CA GLY A 162 4.25 -12.25 -9.09
C GLY A 162 3.89 -10.89 -8.51
N VAL A 163 2.62 -10.59 -8.34
CA VAL A 163 2.17 -9.32 -7.74
C VAL A 163 2.48 -9.35 -6.25
N PRO A 164 3.00 -8.27 -5.66
CA PRO A 164 3.43 -8.32 -4.25
C PRO A 164 2.24 -8.36 -3.30
N VAL A 165 2.54 -8.67 -2.04
CA VAL A 165 1.58 -8.70 -0.94
C VAL A 165 1.98 -7.65 0.09
N THR A 166 0.99 -6.95 0.65
CA THR A 166 1.26 -6.01 1.72
C THR A 166 0.31 -6.31 2.87
N THR A 167 0.86 -6.40 4.08
CA THR A 167 0.02 -6.82 5.20
C THR A 167 0.48 -6.09 6.47
N HIS A 168 -0.06 -6.54 7.60
CA HIS A 168 0.29 -5.95 8.91
C HIS A 168 0.68 -7.07 9.87
N THR A 169 1.45 -6.79 10.91
CA THR A 169 1.75 -7.79 11.93
C THR A 169 0.55 -7.89 12.88
N GLN A 178 5.84 -16.16 12.39
CA GLN A 178 4.43 -15.78 12.57
C GLN A 178 3.70 -15.81 11.23
N GLN A 179 3.57 -14.63 10.62
CA GLN A 179 3.09 -14.56 9.25
C GLN A 179 4.14 -15.07 8.28
N ALA A 180 5.42 -14.80 8.57
CA ALA A 180 6.49 -15.17 7.67
C ALA A 180 6.53 -16.67 7.41
N ALA A 181 6.19 -17.48 8.41
CA ALA A 181 6.19 -18.92 8.20
C ALA A 181 5.07 -19.35 7.26
N ILE A 182 3.94 -18.65 7.28
CA ILE A 182 2.85 -18.96 6.34
C ILE A 182 3.29 -18.69 4.91
N PHE A 183 3.89 -17.52 4.67
CA PHE A 183 4.33 -17.17 3.32
C PHE A 183 5.34 -18.18 2.82
N GLU A 184 6.31 -18.51 3.66
CA GLU A 184 7.31 -19.48 3.24
C GLU A 184 6.71 -20.87 3.13
N SER A 185 5.72 -21.20 3.99
CA SER A 185 4.96 -22.43 3.84
C SER A 185 4.52 -22.62 2.39
N GLU A 186 4.11 -21.53 1.75
CA GLU A 186 3.52 -21.59 0.42
C GLU A 186 4.53 -21.36 -0.68
N GLY A 187 5.81 -21.27 -0.35
CA GLY A 187 6.83 -21.14 -1.37
C GLY A 187 7.10 -19.73 -1.86
N LEU A 188 6.59 -18.72 -1.17
CA LEU A 188 6.71 -17.35 -1.63
C LEU A 188 7.95 -16.69 -1.04
N SER A 189 8.75 -16.07 -1.90
CA SER A 189 9.94 -15.39 -1.44
C SER A 189 9.58 -14.17 -0.61
N PRO A 190 10.24 -13.95 0.54
CA PRO A 190 9.96 -12.77 1.36
C PRO A 190 10.02 -11.46 0.63
N SER A 191 10.79 -11.36 -0.46
CA SER A 191 10.92 -10.12 -1.23
C SER A 191 9.65 -9.76 -1.97
N ARG A 192 8.61 -10.59 -1.88
CA ARG A 192 7.29 -10.29 -2.42
C ARG A 192 6.35 -9.73 -1.36
N VAL A 193 6.80 -9.61 -0.11
CA VAL A 193 5.91 -9.34 1.02
C VAL A 193 6.43 -8.13 1.78
N CYS A 194 5.56 -7.15 1.98
CA CYS A 194 5.87 -6.04 2.89
C CYS A 194 5.04 -6.22 4.15
N ILE A 195 5.72 -6.27 5.29
CA ILE A 195 5.03 -6.44 6.56
C ILE A 195 5.06 -5.09 7.27
N GLY A 196 3.88 -4.55 7.53
CA GLY A 196 3.77 -3.24 8.15
C GLY A 196 3.65 -3.36 9.66
N HIS A 197 4.30 -2.44 10.36
CA HIS A 197 4.36 -2.46 11.82
C HIS A 197 3.77 -1.17 12.37
N SER A 198 2.94 -1.30 13.41
CA SER A 198 2.42 -0.16 14.16
C SER A 198 3.31 0.11 15.38
N ASP A 199 2.94 1.12 16.16
CA ASP A 199 3.75 1.50 17.32
C ASP A 199 3.82 0.38 18.35
N ASP A 200 2.74 -0.39 18.51
CA ASP A 200 2.75 -1.53 19.42
C ASP A 200 3.67 -2.66 18.96
N THR A 201 4.16 -2.60 17.72
CA THR A 201 5.04 -3.64 17.18
C THR A 201 6.28 -3.02 16.52
N ASP A 202 6.66 -1.82 16.96
CA ASP A 202 7.72 -1.00 16.39
C ASP A 202 9.12 -1.41 16.79
N ASP A 203 9.28 -2.43 17.63
CA ASP A 203 10.59 -2.72 18.21
C ASP A 203 11.62 -2.98 17.13
N LEU A 204 12.68 -2.18 17.12
CA LEU A 204 13.70 -2.27 16.07
C LEU A 204 14.26 -3.69 15.95
N SER A 205 14.30 -4.42 17.06
CA SER A 205 14.78 -5.80 17.01
C SER A 205 13.92 -6.63 16.07
N TYR A 206 12.59 -6.51 16.17
CA TYR A 206 11.70 -7.26 15.29
C TYR A 206 11.85 -6.82 13.84
N LEU A 207 12.01 -5.52 13.60
CA LEU A 207 12.15 -5.01 12.23
C LEU A 207 13.38 -5.62 11.55
N THR A 208 14.54 -5.54 12.21
CA THR A 208 15.76 -6.09 11.63
C THR A 208 15.66 -7.60 11.43
N ALA A 209 14.94 -8.28 12.33
CA ALA A 209 14.79 -9.73 12.22
C ALA A 209 14.11 -10.11 10.90
N LEU A 210 12.94 -9.51 10.64
CA LEU A 210 12.24 -9.76 9.40
C LEU A 210 13.03 -9.23 8.21
N ALA A 211 13.72 -8.10 8.39
CA ALA A 211 14.48 -7.53 7.28
C ALA A 211 15.63 -8.45 6.87
N ALA A 212 16.27 -9.09 7.84
CA ALA A 212 17.37 -10.00 7.53
C ALA A 212 16.89 -11.21 6.75
N ARG A 213 15.63 -11.58 6.88
CA ARG A 213 15.06 -12.71 6.16
C ARG A 213 14.53 -12.32 4.78
N GLY A 214 14.60 -11.04 4.42
CA GLY A 214 14.29 -10.60 3.06
C GLY A 214 12.97 -9.89 2.91
N TYR A 215 12.21 -9.70 3.98
CA TYR A 215 10.93 -9.02 3.90
C TYR A 215 11.13 -7.52 3.75
N LEU A 216 10.19 -6.87 3.06
CA LEU A 216 10.10 -5.42 3.09
C LEU A 216 9.39 -5.00 4.37
N ILE A 217 9.78 -3.82 4.87
CA ILE A 217 9.29 -3.30 6.15
C ILE A 217 8.54 -2.01 5.87
N GLY A 218 7.33 -1.91 6.41
CA GLY A 218 6.61 -0.66 6.41
C GLY A 218 6.20 -0.29 7.83
N LEU A 219 6.01 1.01 8.04
CA LEU A 219 5.44 1.51 9.28
C LEU A 219 4.01 1.95 9.04
N ASP A 220 3.07 1.61 9.90
CA ASP A 220 1.70 2.14 9.65
C ASP A 220 1.27 3.06 10.81
N SER A 243 4.76 9.91 17.21
CA SER A 243 5.27 11.06 16.45
C SER A 243 5.88 10.60 15.14
N TRP A 244 5.93 11.48 14.14
CA TRP A 244 6.50 11.08 12.85
C TRP A 244 8.02 11.18 12.84
N GLN A 245 8.59 12.10 13.64
CA GLN A 245 10.04 12.20 13.71
C GLN A 245 10.67 10.97 14.35
N THR A 246 9.96 10.33 15.28
CA THR A 246 10.47 9.12 15.89
C THR A 246 10.34 7.93 14.95
N ARG A 247 9.30 7.91 14.12
CA ARG A 247 9.22 6.89 13.08
C ARG A 247 10.34 7.07 12.06
N ALA A 248 10.63 8.32 11.68
CA ALA A 248 11.72 8.58 10.74
C ALA A 248 13.06 8.15 11.29
N LEU A 249 13.27 8.28 12.61
CA LEU A 249 14.52 7.82 13.21
C LEU A 249 14.58 6.31 13.29
N LEU A 250 13.44 5.64 13.45
CA LEU A 250 13.41 4.19 13.35
C LEU A 250 13.84 3.73 11.97
N ILE A 251 13.36 4.43 10.93
CA ILE A 251 13.84 4.18 9.57
C ILE A 251 15.35 4.37 9.48
N LYS A 252 15.86 5.45 10.06
CA LYS A 252 17.30 5.68 9.99
C LYS A 252 18.07 4.58 10.72
N ALA A 253 17.57 4.16 11.88
CA ALA A 253 18.17 3.04 12.60
C ALA A 253 18.23 1.80 11.72
N LEU A 254 17.14 1.49 11.02
CA LEU A 254 17.12 0.35 10.11
C LEU A 254 18.16 0.49 9.01
N ILE A 255 18.30 1.69 8.46
CA ILE A 255 19.32 1.94 7.44
C ILE A 255 20.72 1.74 8.04
N ASP A 256 20.94 2.31 9.23
CA ASP A 256 22.24 2.22 9.86
C ASP A 256 22.64 0.78 10.15
N GLN A 257 21.65 -0.11 10.29
CA GLN A 257 21.90 -1.54 10.44
C GLN A 257 22.17 -2.24 9.12
N GLY A 258 22.14 -1.53 8.00
CA GLY A 258 22.41 -2.12 6.70
C GLY A 258 21.22 -2.54 5.88
N TYR A 259 20.00 -2.24 6.32
CA TYR A 259 18.79 -2.81 5.72
C TYR A 259 18.02 -1.79 4.87
N MET A 260 18.74 -0.88 4.19
CA MET A 260 18.06 0.14 3.42
C MET A 260 17.26 -0.45 2.25
N LYS A 261 17.68 -1.59 1.72
CA LYS A 261 16.98 -2.21 0.58
C LYS A 261 15.63 -2.81 0.96
N GLN A 262 15.31 -2.89 2.24
CA GLN A 262 14.08 -3.52 2.72
C GLN A 262 13.01 -2.52 3.14
N ILE A 263 13.22 -1.23 2.88
CA ILE A 263 12.39 -0.16 3.43
C ILE A 263 11.50 0.41 2.35
N LEU A 264 10.21 0.52 2.64
CA LEU A 264 9.24 1.20 1.81
C LEU A 264 8.68 2.38 2.59
N VAL A 265 8.21 3.40 1.86
CA VAL A 265 7.83 4.67 2.45
C VAL A 265 6.36 4.94 2.19
N SER A 266 5.73 5.67 3.11
CA SER A 266 4.30 5.94 3.00
C SER A 266 3.97 7.13 3.87
N ASN A 267 2.93 7.88 3.46
CA ASN A 267 2.42 8.95 4.31
C ASN A 267 1.85 8.43 5.62
N ASP A 268 1.75 7.11 5.79
CA ASP A 268 1.35 6.51 7.06
C ASP A 268 2.32 6.82 8.19
N TRP A 269 3.52 7.34 7.88
CA TRP A 269 4.45 7.68 8.94
C TRP A 269 3.95 8.86 9.75
N LEU A 270 3.11 9.71 9.16
CA LEU A 270 2.54 10.82 9.90
C LEU A 270 1.45 10.35 10.84
N PHE A 271 0.53 9.54 10.34
CA PHE A 271 -0.67 9.16 11.06
C PHE A 271 -1.20 7.87 10.44
N GLY A 272 -1.77 7.01 11.28
CA GLY A 272 -2.27 5.72 10.81
C GLY A 272 -3.46 5.80 9.87
N PHE A 273 -3.23 6.23 8.63
CA PHE A 273 -4.31 6.31 7.66
C PHE A 273 -4.82 4.91 7.35
N SER A 274 -6.05 4.86 6.85
CA SER A 274 -6.70 3.59 6.53
C SER A 274 -7.90 3.90 5.65
N SER A 275 -8.67 2.87 5.32
CA SER A 275 -10.00 3.09 4.77
C SER A 275 -10.91 3.79 5.77
N TYR A 276 -10.64 3.64 7.07
CA TYR A 276 -11.41 4.40 8.05
C TYR A 276 -11.07 5.88 7.97
N VAL A 277 -9.79 6.22 7.80
CA VAL A 277 -9.38 7.62 7.69
C VAL A 277 -8.38 7.82 6.56
N THR A 278 -8.85 8.37 5.44
CA THR A 278 -8.05 8.48 4.24
C THR A 278 -7.14 9.72 4.27
N ASN A 279 -6.21 9.77 3.32
CA ASN A 279 -5.25 10.87 3.19
C ASN A 279 -5.91 12.20 2.83
N ILE A 280 -7.19 12.22 2.48
CA ILE A 280 -7.85 13.49 2.12
C ILE A 280 -9.07 13.78 2.98
N ASN A 288 -2.21 17.69 9.24
CA ASN A 288 -1.44 17.47 8.01
C ASN A 288 -1.56 18.61 7.03
N PRO A 289 -0.95 19.76 7.36
CA PRO A 289 -0.89 20.88 6.40
C PRO A 289 -0.02 20.62 5.20
N ASP A 290 0.59 19.43 5.10
CA ASP A 290 1.38 19.03 3.94
C ASP A 290 0.62 18.05 3.05
N GLY A 291 -0.50 17.51 3.51
CA GLY A 291 -1.31 16.65 2.67
C GLY A 291 -0.54 15.44 2.22
N MET A 292 -0.82 14.98 1.01
CA MET A 292 -0.07 13.85 0.49
C MET A 292 1.37 14.20 0.12
N ALA A 293 1.77 15.47 0.23
CA ALA A 293 3.14 15.89 -0.01
C ALA A 293 4.00 15.80 1.24
N PHE A 294 3.47 15.20 2.32
CA PHE A 294 4.17 15.21 3.60
C PHE A 294 5.53 14.53 3.51
N ILE A 295 5.63 13.40 2.80
CA ILE A 295 6.92 12.70 2.74
C ILE A 295 7.98 13.57 2.07
N PRO A 296 7.79 14.05 0.83
CA PRO A 296 8.88 14.82 0.21
C PRO A 296 9.10 16.18 0.83
N LEU A 297 8.07 16.84 1.38
CA LEU A 297 8.26 18.17 1.92
C LEU A 297 8.79 18.18 3.35
N ARG A 298 8.50 17.15 4.15
CA ARG A 298 8.87 17.14 5.56
C ARG A 298 9.84 16.02 5.92
N VAL A 299 9.55 14.77 5.53
CA VAL A 299 10.35 13.66 6.03
C VAL A 299 11.69 13.57 5.31
N ILE A 300 11.72 13.76 3.99
CA ILE A 300 12.99 13.70 3.27
C ILE A 300 13.96 14.80 3.74
N PRO A 301 13.54 16.06 3.87
CA PRO A 301 14.49 17.06 4.44
C PRO A 301 14.96 16.72 5.85
N PHE A 302 14.09 16.19 6.70
CA PHE A 302 14.49 15.79 8.05
C PHE A 302 15.54 14.68 8.02
N LEU A 303 15.31 13.63 7.23
CA LEU A 303 16.31 12.57 7.11
C LEU A 303 17.63 13.11 6.57
N ARG A 304 17.56 14.07 5.64
CA ARG A 304 18.76 14.75 5.17
C ARG A 304 19.48 15.44 6.33
N GLU A 305 18.73 16.15 7.17
CA GLU A 305 19.32 16.83 8.33
C GLU A 305 20.01 15.84 9.26
N LYS A 306 19.45 14.63 9.40
CA LYS A 306 20.07 13.61 10.23
C LYS A 306 21.21 12.89 9.52
N GLY A 307 21.53 13.27 8.29
CA GLY A 307 22.67 12.70 7.59
C GLY A 307 22.40 11.48 6.72
N VAL A 308 21.13 11.15 6.44
CA VAL A 308 20.87 10.05 5.51
C VAL A 308 21.30 10.50 4.11
N PRO A 309 22.19 9.79 3.44
CA PRO A 309 22.72 10.27 2.16
C PRO A 309 21.70 10.19 1.03
N GLN A 310 22.02 10.91 -0.05
CA GLN A 310 21.08 11.03 -1.16
C GLN A 310 20.80 9.68 -1.82
N GLU A 311 21.83 8.86 -2.06
CA GLU A 311 21.63 7.59 -2.75
C GLU A 311 20.71 6.68 -1.96
N THR A 312 20.77 6.76 -0.62
CA THR A 312 19.89 5.94 0.21
C THR A 312 18.46 6.42 0.13
N LEU A 313 18.23 7.74 0.11
CA LEU A 313 16.88 8.26 0.01
C LEU A 313 16.25 7.92 -1.34
N ALA A 314 17.05 7.98 -2.41
CA ALA A 314 16.56 7.55 -3.71
C ALA A 314 16.29 6.06 -3.72
N GLY A 315 17.07 5.29 -2.96
CA GLY A 315 16.81 3.86 -2.85
C GLY A 315 15.45 3.56 -2.24
N ILE A 316 15.12 4.22 -1.12
CA ILE A 316 13.87 3.85 -0.45
C ILE A 316 12.64 4.45 -1.12
N THR A 317 12.79 5.51 -1.90
CA THR A 317 11.62 6.13 -2.53
C THR A 317 11.43 5.74 -3.99
N VAL A 318 12.43 5.11 -4.63
CA VAL A 318 12.37 4.82 -6.06
C VAL A 318 12.73 3.37 -6.31
N THR A 319 13.95 2.95 -5.94
CA THR A 319 14.43 1.61 -6.30
C THR A 319 13.67 0.52 -5.54
N ASN A 320 13.55 0.64 -4.23
CA ASN A 320 12.84 -0.40 -3.47
C ASN A 320 11.41 -0.60 -3.92
N PRO A 321 10.56 0.44 -4.05
CA PRO A 321 9.18 0.19 -4.48
C PRO A 321 9.07 -0.32 -5.90
N ALA A 322 9.92 0.12 -6.82
CA ALA A 322 9.90 -0.42 -8.18
C ALA A 322 10.20 -1.92 -8.18
N ARG A 323 11.17 -2.33 -7.36
CA ARG A 323 11.52 -3.76 -7.28
C ARG A 323 10.39 -4.54 -6.60
N PHE A 324 9.74 -3.93 -5.61
CA PHE A 324 8.60 -4.54 -4.92
C PHE A 324 7.40 -4.71 -5.85
N LEU A 325 7.01 -3.63 -6.55
CA LEU A 325 5.81 -3.67 -7.38
C LEU A 325 6.01 -4.44 -8.69
N SER A 326 7.24 -4.53 -9.17
CA SER A 326 7.48 -5.22 -10.42
C SER A 326 7.16 -6.70 -10.24
N PRO A 327 6.24 -7.27 -11.02
CA PRO A 327 5.85 -8.67 -10.78
C PRO A 327 7.05 -9.58 -11.01
N THR A 328 7.38 -10.37 -9.98
CA THR A 328 8.59 -11.19 -9.97
C THR A 328 8.24 -12.58 -9.48
N LEU A 329 8.54 -13.59 -10.28
CA LEU A 329 8.15 -14.96 -9.95
C LEU A 329 9.21 -15.61 -9.08
ZN ZN B . -1.57 2.85 4.68
#